data_5J3O
#
_entry.id   5J3O
#
_cell.length_a   99.070
_cell.length_b   55.570
_cell.length_c   115.510
_cell.angle_alpha   90.000
_cell.angle_beta   107.280
_cell.angle_gamma   90.000
#
_symmetry.space_group_name_H-M   'C 1 2 1'
#
loop_
_entity.id
_entity.type
_entity.pdbx_description
1 polymer VP1
2 non-polymer 1,2-ETHANEDIOL
3 non-polymer alpha-L-fucopyranose
4 water water
#
_entity_poly.entity_id   1
_entity_poly.type   'polypeptide(L)'
_entity_poly.pdbx_seq_one_letter_code
;PGSKPFSVPVLTVEEMTNSRFPIPLEKLFTGPSSAFVVQPQNGRCTTDGVLLGTTQLSPVNICTFRGDVTHITGSRNYTM
NLASQNWNDYDPTEEIPAPLGTPDFVGKIQGVLTQTTRTDGSTRGHKATVYTGSADFAPKLGRVQFETDTDRDFEANQNT
KFTPVGVIQDGGTTHRNEPQQWVLPSYSGRNTHNVHLAPAVAPTFPGEQLLFFRSTMPGCSGYPNMDLDCLLPQEWVQYF
YQEAAPAQSDVALLRFVNPDTGRVLFECKLHKSGYVTVAHTGQHDLVIPPNGYFRFDSWVNQFYTLAPM
;
_entity_poly.pdbx_strand_id   A,B
#
# COMPACT_ATOMS: atom_id res chain seq x y z
N PRO A 1 -21.52 -29.33 -7.81
CA PRO A 1 -20.39 -30.20 -8.16
C PRO A 1 -19.60 -29.63 -9.33
N GLY A 2 -18.26 -29.68 -9.24
CA GLY A 2 -17.41 -29.20 -10.32
C GLY A 2 -17.26 -27.69 -10.36
N SER A 3 -17.52 -27.03 -9.22
CA SER A 3 -17.48 -25.58 -9.17
C SER A 3 -16.07 -25.05 -9.43
N LYS A 4 -15.98 -23.77 -9.79
CA LYS A 4 -14.70 -23.15 -10.14
C LYS A 4 -13.66 -23.44 -9.07
N PRO A 5 -12.53 -24.04 -9.46
CA PRO A 5 -11.55 -24.41 -8.44
C PRO A 5 -11.05 -23.24 -7.59
N PHE A 6 -11.06 -23.47 -6.29
CA PHE A 6 -10.50 -22.53 -5.35
C PHE A 6 -8.98 -22.65 -5.38
N SER A 7 -8.30 -21.59 -4.96
CA SER A 7 -6.85 -21.58 -4.86
C SER A 7 -6.44 -20.38 -3.99
N VAL A 8 -5.19 -20.38 -3.55
CA VAL A 8 -4.62 -19.20 -2.92
C VAL A 8 -3.44 -18.75 -3.78
N PRO A 9 -3.06 -17.48 -3.71
CA PRO A 9 -1.99 -17.02 -4.60
C PRO A 9 -0.65 -17.63 -4.22
N VAL A 10 0.21 -17.74 -5.22
CA VAL A 10 1.57 -18.17 -5.03
C VAL A 10 2.33 -16.89 -4.73
N LEU A 11 2.33 -16.52 -3.48
CA LEU A 11 3.09 -15.40 -2.97
C LEU A 11 3.71 -15.81 -1.66
N THR A 12 4.95 -15.41 -1.46
CA THR A 12 5.60 -15.68 -0.19
C THR A 12 5.10 -14.68 0.86
N VAL A 13 5.31 -15.00 2.12
CA VAL A 13 4.94 -14.10 3.18
C VAL A 13 5.57 -12.71 2.98
N GLU A 14 6.87 -12.67 2.69
CA GLU A 14 7.54 -11.39 2.52
C GLU A 14 7.11 -10.62 1.28
N GLU A 15 6.45 -11.29 0.35
CA GLU A 15 5.89 -10.62 -0.82
C GLU A 15 4.52 -10.01 -0.55
N MET A 16 3.96 -10.27 0.62
CA MET A 16 2.60 -9.88 0.95
C MET A 16 2.55 -8.73 1.94
N THR A 17 1.34 -8.28 2.23
CA THR A 17 1.09 -7.04 2.93
C THR A 17 0.10 -7.26 4.07
N ASN A 18 0.33 -6.62 5.21
CA ASN A 18 -0.64 -6.64 6.28
C ASN A 18 -1.94 -6.02 5.80
N SER A 19 -3.06 -6.60 6.20
CA SER A 19 -4.36 -6.09 5.85
C SER A 19 -4.93 -5.14 6.91
N ARG A 20 -4.14 -4.83 7.93
CA ARG A 20 -4.62 -3.97 9.02
C ARG A 20 -3.80 -2.68 9.19
N PHE A 21 -2.73 -2.55 8.41
CA PHE A 21 -1.89 -1.34 8.42
C PHE A 21 -1.02 -1.43 7.15
N PRO A 22 -0.68 -0.29 6.54
CA PRO A 22 -0.02 -0.36 5.23
C PRO A 22 1.49 -0.64 5.29
N ILE A 23 1.80 -1.87 5.67
CA ILE A 23 3.18 -2.33 5.83
C ILE A 23 3.27 -3.79 5.38
N PRO A 24 4.45 -4.22 4.93
CA PRO A 24 4.61 -5.61 4.49
C PRO A 24 4.45 -6.62 5.62
N LEU A 25 4.04 -7.83 5.26
CA LEU A 25 4.13 -8.93 6.20
C LEU A 25 5.58 -9.26 6.46
N GLU A 26 5.84 -9.78 7.64
CA GLU A 26 7.19 -10.19 8.04
C GLU A 26 7.30 -11.66 8.42
N LYS A 27 6.27 -12.19 9.06
CA LYS A 27 6.37 -13.52 9.66
C LYS A 27 5.01 -14.09 10.00
N LEU A 28 5.02 -15.38 10.33
CA LEU A 28 3.83 -16.10 10.79
C LEU A 28 4.00 -16.40 12.26
N PHE A 29 2.91 -16.25 12.99
CA PHE A 29 2.91 -16.44 14.43
C PHE A 29 1.65 -17.18 14.84
N THR A 30 1.77 -18.11 15.78
CA THR A 30 0.61 -18.69 16.41
C THR A 30 0.72 -18.58 17.92
N GLY A 31 -0.42 -18.43 18.58
CA GLY A 31 -0.46 -18.37 20.02
C GLY A 31 -1.89 -18.55 20.49
N PRO A 32 -2.08 -18.82 21.79
CA PRO A 32 -3.43 -18.91 22.34
C PRO A 32 -4.14 -17.56 22.26
N SER A 33 -5.45 -17.57 22.08
CA SER A 33 -6.20 -16.33 22.00
C SER A 33 -7.45 -16.33 22.88
N SER A 34 -7.54 -17.25 23.83
CA SER A 34 -8.73 -17.35 24.64
C SER A 34 -8.88 -16.17 25.62
N ALA A 35 -7.81 -15.44 25.86
CA ALA A 35 -7.85 -14.27 26.75
C ALA A 35 -8.27 -12.97 26.05
N PHE A 36 -8.41 -12.99 24.74
CA PHE A 36 -8.92 -11.81 24.08
C PHE A 36 -10.00 -12.13 23.08
N VAL A 37 -10.64 -11.09 22.57
CA VAL A 37 -11.63 -11.25 21.53
CA VAL A 37 -11.63 -11.25 21.53
C VAL A 37 -11.01 -10.81 20.20
N VAL A 38 -10.85 -11.77 19.30
CA VAL A 38 -10.21 -11.51 18.02
C VAL A 38 -11.29 -11.14 17.01
N GLN A 39 -11.47 -9.85 16.79
CA GLN A 39 -12.55 -9.35 15.94
C GLN A 39 -12.08 -8.18 15.08
N PRO A 40 -10.94 -8.34 14.40
CA PRO A 40 -10.52 -7.26 13.51
C PRO A 40 -11.54 -7.03 12.41
N GLN A 41 -11.59 -5.80 11.91
CA GLN A 41 -12.54 -5.41 10.88
C GLN A 41 -11.90 -5.20 9.51
N ASN A 42 -10.61 -4.93 9.51
CA ASN A 42 -9.83 -4.92 8.28
C ASN A 42 -9.20 -6.30 8.08
N GLY A 43 -8.94 -6.69 6.83
CA GLY A 43 -8.46 -8.02 6.52
C GLY A 43 -9.50 -9.10 6.73
N ARG A 44 -10.75 -8.80 6.40
CA ARG A 44 -11.86 -9.74 6.58
C ARG A 44 -12.55 -9.96 5.25
N CYS A 45 -12.59 -11.23 4.84
CA CYS A 45 -13.11 -11.61 3.54
C CYS A 45 -13.36 -13.09 3.54
N THR A 46 -14.48 -13.53 2.95
CA THR A 46 -14.71 -14.96 2.80
C THR A 46 -13.87 -15.52 1.66
N THR A 47 -13.69 -16.84 1.65
CA THR A 47 -12.90 -17.46 0.61
C THR A 47 -13.56 -17.31 -0.75
N ASP A 48 -14.88 -17.10 -0.79
CA ASP A 48 -15.55 -16.88 -2.06
C ASP A 48 -15.67 -15.38 -2.41
N GLY A 49 -14.93 -14.54 -1.69
CA GLY A 49 -14.73 -13.16 -2.13
C GLY A 49 -15.68 -12.10 -1.61
N VAL A 50 -16.38 -12.37 -0.53
CA VAL A 50 -17.27 -11.38 0.08
C VAL A 50 -16.49 -10.58 1.13
N LEU A 51 -16.31 -9.29 0.90
CA LEU A 51 -15.62 -8.44 1.85
C LEU A 51 -16.50 -8.22 3.07
N LEU A 52 -15.87 -8.19 4.24
CA LEU A 52 -16.57 -8.05 5.52
C LEU A 52 -16.03 -6.88 6.32
N GLY A 53 -16.76 -6.47 7.34
CA GLY A 53 -16.29 -5.43 8.24
C GLY A 53 -16.03 -4.12 7.53
N THR A 54 -14.83 -3.57 7.73
CA THR A 54 -14.44 -2.33 7.08
C THR A 54 -13.42 -2.61 5.96
N THR A 55 -13.40 -3.83 5.46
CA THR A 55 -12.34 -4.23 4.54
C THR A 55 -12.56 -3.69 3.12
N GLN A 56 -11.52 -3.08 2.58
CA GLN A 56 -11.51 -2.66 1.17
C GLN A 56 -10.24 -3.22 0.51
N LEU A 57 -10.01 -2.91 -0.76
CA LEU A 57 -9.06 -3.69 -1.57
C LEU A 57 -7.60 -3.26 -1.58
N SER A 58 -7.31 -1.98 -1.48
CA SER A 58 -5.90 -1.59 -1.60
C SER A 58 -5.25 -1.36 -0.24
N PRO A 59 -4.07 -1.92 -0.02
CA PRO A 59 -3.51 -1.73 1.30
C PRO A 59 -3.07 -0.31 1.57
N VAL A 60 -2.87 0.53 0.57
CA VAL A 60 -2.37 1.88 0.88
C VAL A 60 -3.42 2.77 1.55
N ASN A 61 -4.68 2.40 1.44
CA ASN A 61 -5.75 3.20 2.02
C ASN A 61 -6.01 2.91 3.51
N ILE A 62 -5.43 1.84 4.02
CA ILE A 62 -5.72 1.41 5.39
C ILE A 62 -5.15 2.43 6.38
N CYS A 63 -6.01 2.88 7.30
CA CYS A 63 -5.65 3.89 8.31
C CYS A 63 -5.34 5.29 7.74
N THR A 64 -5.80 5.56 6.51
CA THR A 64 -5.78 6.93 5.97
C THR A 64 -7.10 7.63 6.22
N PHE A 65 -7.07 8.96 6.30
CA PHE A 65 -8.29 9.74 6.42
C PHE A 65 -8.19 10.91 5.46
N ARG A 66 -9.32 11.38 4.96
CA ARG A 66 -9.38 12.54 4.09
C ARG A 66 -10.58 13.38 4.47
N GLY A 67 -10.48 14.69 4.28
CA GLY A 67 -11.60 15.58 4.52
C GLY A 67 -11.13 17.00 4.65
N ASP A 68 -11.81 17.76 5.50
CA ASP A 68 -11.54 19.17 5.81
CA ASP A 68 -11.26 19.07 5.80
C ASP A 68 -11.24 19.26 7.30
N VAL A 69 -10.46 20.24 7.73
CA VAL A 69 -10.16 20.35 9.15
C VAL A 69 -10.62 21.68 9.74
N THR A 70 -11.04 21.60 11.00
CA THR A 70 -11.50 22.74 11.76
C THR A 70 -10.62 22.85 12.98
N HIS A 71 -10.01 24.00 13.14
CA HIS A 71 -9.10 24.23 14.22
C HIS A 71 -9.88 24.36 15.52
N ILE A 72 -9.40 23.67 16.55
CA ILE A 72 -9.89 23.87 17.89
C ILE A 72 -9.11 25.02 18.52
N THR A 73 -9.73 26.20 18.58
CA THR A 73 -9.03 27.43 18.95
C THR A 73 -8.38 27.29 20.34
N GLY A 74 -7.19 27.85 20.48
CA GLY A 74 -6.44 27.72 21.71
C GLY A 74 -5.69 26.41 21.85
N SER A 75 -5.56 25.68 20.75
CA SER A 75 -4.87 24.39 20.78
C SER A 75 -4.15 24.14 19.46
N ARG A 76 -3.50 22.99 19.36
CA ARG A 76 -2.89 22.54 18.11
C ARG A 76 -3.66 21.33 17.61
N ASN A 77 -4.91 21.23 18.05
CA ASN A 77 -5.76 20.11 17.65
CA ASN A 77 -5.78 20.11 17.70
C ASN A 77 -6.79 20.52 16.62
N TYR A 78 -7.12 19.59 15.74
CA TYR A 78 -8.04 19.83 14.66
C TYR A 78 -9.05 18.70 14.58
N THR A 79 -10.30 19.06 14.34
CA THR A 79 -11.30 18.09 13.99
C THR A 79 -11.30 17.94 12.48
N MET A 80 -11.24 16.70 12.00
CA MET A 80 -11.41 16.43 10.59
C MET A 80 -12.84 16.00 10.34
N ASN A 81 -13.50 16.72 9.46
CA ASN A 81 -14.80 16.36 8.92
CA ASN A 81 -14.80 16.27 8.97
C ASN A 81 -14.53 15.45 7.73
N LEU A 82 -14.79 14.14 7.85
CA LEU A 82 -14.40 13.20 6.82
C LEU A 82 -15.13 13.38 5.49
N ALA A 83 -14.35 13.19 4.44
CA ALA A 83 -14.84 12.97 3.08
C ALA A 83 -14.75 11.48 2.75
N SER A 84 -15.39 11.10 1.65
CA SER A 84 -15.10 9.82 1.01
C SER A 84 -13.65 9.80 0.54
N GLN A 85 -13.13 8.61 0.33
CA GLN A 85 -11.76 8.46 -0.14
C GLN A 85 -11.47 9.13 -1.50
N ASN A 86 -12.50 9.26 -2.32
CA ASN A 86 -12.37 9.95 -3.61
C ASN A 86 -12.69 11.44 -3.53
N TRP A 87 -12.78 11.94 -2.29
CA TRP A 87 -13.03 13.36 -1.99
C TRP A 87 -14.47 13.80 -2.15
N ASN A 88 -15.35 12.87 -2.53
CA ASN A 88 -16.80 13.16 -2.48
C ASN A 88 -17.29 13.29 -1.05
N ASP A 89 -18.51 13.79 -0.90
CA ASP A 89 -19.15 13.81 0.40
C ASP A 89 -19.16 12.42 1.02
N TYR A 90 -18.94 12.37 2.33
CA TYR A 90 -19.06 11.13 3.10
C TYR A 90 -20.52 10.70 3.19
N ASP A 91 -20.76 9.42 2.91
CA ASP A 91 -22.10 8.84 3.01
C ASP A 91 -22.10 7.85 4.16
N PRO A 92 -22.65 8.25 5.32
CA PRO A 92 -22.65 7.34 6.47
C PRO A 92 -23.71 6.24 6.40
N THR A 93 -24.54 6.22 5.37
CA THR A 93 -25.67 5.30 5.35
C THR A 93 -25.34 3.87 4.93
N GLU A 94 -24.12 3.64 4.44
CA GLU A 94 -23.75 2.28 4.07
CA GLU A 94 -23.69 2.28 4.09
C GLU A 94 -23.75 1.39 5.31
N GLU A 95 -24.15 0.13 5.12
CA GLU A 95 -24.23 -0.83 6.20
C GLU A 95 -22.86 -1.44 6.51
N ILE A 96 -21.99 -0.57 7.03
CA ILE A 96 -20.63 -0.93 7.41
C ILE A 96 -20.34 -0.27 8.76
N PRO A 97 -19.34 -0.79 9.50
CA PRO A 97 -19.08 -0.26 10.85
C PRO A 97 -18.57 1.16 10.86
N ALA A 98 -17.94 1.55 9.75
CA ALA A 98 -17.18 2.79 9.66
C ALA A 98 -16.67 2.82 8.21
N PRO A 99 -16.15 3.97 7.77
CA PRO A 99 -15.62 3.98 6.40
C PRO A 99 -14.62 2.86 6.19
N LEU A 100 -14.60 2.31 4.99
CA LEU A 100 -13.71 1.21 4.69
C LEU A 100 -12.28 1.68 4.90
N GLY A 101 -11.48 0.84 5.57
CA GLY A 101 -10.10 1.15 5.87
C GLY A 101 -9.86 1.87 7.19
N THR A 102 -10.92 2.27 7.89
CA THR A 102 -10.79 2.88 9.22
C THR A 102 -9.94 2.00 10.11
N PRO A 103 -9.09 2.59 10.96
CA PRO A 103 -8.36 1.75 11.94
C PRO A 103 -9.29 0.85 12.74
N ASP A 104 -8.90 -0.40 12.96
CA ASP A 104 -9.71 -1.35 13.72
C ASP A 104 -9.11 -1.75 15.06
N PHE A 105 -8.27 -0.88 15.61
CA PHE A 105 -7.70 -1.09 16.93
C PHE A 105 -7.57 0.22 17.65
N VAL A 106 -7.54 0.13 18.98
CA VAL A 106 -7.32 1.27 19.85
C VAL A 106 -5.82 1.52 20.01
N GLY A 107 -5.42 2.71 19.61
CA GLY A 107 -4.04 3.10 19.73
C GLY A 107 -3.85 4.52 19.27
N LYS A 108 -2.63 5.00 19.45
CA LYS A 108 -2.25 6.34 19.05
C LYS A 108 -1.42 6.21 17.78
N ILE A 109 -2.04 6.57 16.65
CA ILE A 109 -1.44 6.39 15.34
C ILE A 109 -0.89 7.72 14.90
N GLN A 110 0.41 7.76 14.66
CA GLN A 110 1.08 8.97 14.24
C GLN A 110 1.35 8.90 12.75
N GLY A 111 1.25 10.06 12.12
CA GLY A 111 1.48 10.18 10.69
C GLY A 111 1.62 11.64 10.34
N VAL A 112 1.17 11.99 9.14
CA VAL A 112 1.32 13.35 8.64
C VAL A 112 0.00 13.81 8.02
N LEU A 113 -0.45 14.99 8.44
CA LEU A 113 -1.57 15.66 7.78
C LEU A 113 -1.01 16.57 6.70
N THR A 114 -1.49 16.38 5.48
CA THR A 114 -1.08 17.21 4.35
C THR A 114 -2.29 17.94 3.78
N GLN A 115 -2.04 19.10 3.19
CA GLN A 115 -3.10 19.93 2.68
C GLN A 115 -2.63 20.70 1.48
N THR A 116 -3.53 20.87 0.52
CA THR A 116 -3.32 21.72 -0.64
C THR A 116 -4.40 22.79 -0.68
N THR A 117 -3.97 24.04 -0.84
CA THR A 117 -4.90 25.14 -1.07
C THR A 117 -5.28 25.17 -2.53
N ARG A 118 -6.57 25.06 -2.82
CA ARG A 118 -7.02 24.94 -4.21
C ARG A 118 -6.59 26.10 -5.11
N THR A 119 -6.73 27.34 -4.64
CA THR A 119 -6.57 28.49 -5.53
C THR A 119 -5.17 28.60 -6.12
N ASP A 120 -4.16 28.32 -5.32
CA ASP A 120 -2.78 28.55 -5.75
C ASP A 120 -1.87 27.31 -5.72
N GLY A 121 -2.40 26.18 -5.28
CA GLY A 121 -1.61 24.97 -5.24
C GLY A 121 -0.52 25.00 -4.17
N SER A 122 -0.67 25.89 -3.20
CA SER A 122 0.26 25.89 -2.07
C SER A 122 -0.05 24.69 -1.18
N THR A 123 1.00 24.15 -0.55
CA THR A 123 0.89 22.93 0.21
C THR A 123 1.59 23.03 1.57
N ARG A 124 1.20 22.12 2.46
CA ARG A 124 1.75 22.08 3.80
C ARG A 124 1.54 20.72 4.41
N GLY A 125 2.46 20.30 5.25
CA GLY A 125 2.38 19.02 5.91
C GLY A 125 2.91 19.11 7.32
N HIS A 126 2.22 18.49 8.28
CA HIS A 126 2.62 18.54 9.67
C HIS A 126 2.34 17.22 10.37
N LYS A 127 3.20 16.89 11.32
CA LYS A 127 3.02 15.72 12.16
C LYS A 127 1.66 15.77 12.82
N ALA A 128 1.00 14.62 12.89
CA ALA A 128 -0.33 14.54 13.45
C ALA A 128 -0.52 13.17 14.08
N THR A 129 -1.32 13.11 15.15
CA THR A 129 -1.61 11.86 15.85
C THR A 129 -3.12 11.77 16.09
N VAL A 130 -3.68 10.61 15.78
CA VAL A 130 -5.07 10.31 16.10
C VAL A 130 -5.07 9.21 17.16
N TYR A 131 -5.85 9.43 18.21
CA TYR A 131 -6.05 8.45 19.25
C TYR A 131 -7.39 7.79 19.03
N THR A 132 -7.39 6.55 18.56
CA THR A 132 -8.61 5.89 18.15
C THR A 132 -9.44 5.39 19.35
N GLY A 133 -8.90 5.54 20.55
CA GLY A 133 -9.65 5.32 21.77
C GLY A 133 -10.26 6.58 22.37
N SER A 134 -10.08 7.71 21.69
CA SER A 134 -10.60 8.97 22.16
C SER A 134 -12.11 8.94 22.17
N ALA A 135 -12.71 9.62 23.15
CA ALA A 135 -14.16 9.68 23.21
C ALA A 135 -14.74 10.30 21.96
N ASP A 136 -13.97 11.18 21.32
CA ASP A 136 -14.44 11.88 20.13
CA ASP A 136 -14.45 11.87 20.14
C ASP A 136 -14.02 11.23 18.82
N PHE A 137 -13.37 10.08 18.89
CA PHE A 137 -13.05 9.34 17.68
C PHE A 137 -14.36 8.73 17.18
N ALA A 138 -14.91 9.30 16.10
CA ALA A 138 -16.24 8.92 15.64
C ALA A 138 -16.29 8.86 14.12
N PRO A 139 -15.42 8.05 13.51
CA PRO A 139 -15.39 8.00 12.05
C PRO A 139 -16.72 7.60 11.42
N LYS A 140 -17.51 6.76 12.07
CA LYS A 140 -18.79 6.38 11.49
C LYS A 140 -19.70 7.62 11.37
N LEU A 141 -19.57 8.55 12.30
CA LEU A 141 -20.31 9.82 12.23
C LEU A 141 -19.61 10.86 11.37
N GLY A 142 -18.43 10.52 10.88
CA GLY A 142 -17.68 11.41 10.00
C GLY A 142 -16.78 12.41 10.68
N ARG A 143 -16.36 12.13 11.92
CA ARG A 143 -15.58 13.04 12.76
CA ARG A 143 -15.47 13.05 12.60
C ARG A 143 -14.40 12.31 13.39
N VAL A 144 -13.18 12.82 13.26
CA VAL A 144 -12.05 12.35 14.04
C VAL A 144 -11.21 13.56 14.41
N GLN A 145 -10.38 13.41 15.44
CA GLN A 145 -9.54 14.52 15.86
CA GLN A 145 -9.53 14.50 15.92
C GLN A 145 -8.05 14.18 15.73
N PHE A 146 -7.27 15.18 15.38
CA PHE A 146 -5.82 15.06 15.25
C PHE A 146 -5.12 16.06 16.13
N GLU A 147 -4.13 15.58 16.88
CA GLU A 147 -3.22 16.45 17.60
C GLU A 147 -2.02 16.71 16.70
N THR A 148 -1.66 17.97 16.51
CA THR A 148 -0.59 18.32 15.58
C THR A 148 0.45 19.22 16.23
N ASP A 149 1.48 19.56 15.45
CA ASP A 149 2.50 20.48 15.95
CA ASP A 149 2.53 20.46 15.88
C ASP A 149 2.31 21.91 15.42
N THR A 150 1.07 22.28 15.12
CA THR A 150 0.75 23.65 14.69
C THR A 150 -0.62 24.13 15.21
N ASP A 151 -0.76 25.44 15.38
CA ASP A 151 -2.05 26.03 15.77
C ASP A 151 -2.52 27.07 14.77
N ARG A 152 -1.89 27.16 13.61
CA ARG A 152 -2.22 28.22 12.67
C ARG A 152 -2.03 27.87 11.20
N ASP A 153 -1.28 26.81 10.90
CA ASP A 153 -0.91 26.62 9.50
C ASP A 153 -2.02 25.97 8.65
N PHE A 154 -2.89 25.14 9.23
CA PHE A 154 -3.91 24.47 8.40
C PHE A 154 -5.11 25.35 8.15
N GLU A 155 -5.47 25.45 6.88
CA GLU A 155 -6.62 26.21 6.46
C GLU A 155 -7.89 25.36 6.61
N ALA A 156 -9.01 26.04 6.86
CA ALA A 156 -10.32 25.39 6.81
C ALA A 156 -10.77 25.25 5.35
N ASN A 157 -11.70 24.34 5.12
CA ASN A 157 -12.41 24.27 3.84
C ASN A 157 -11.48 23.93 2.67
N GLN A 158 -10.42 23.18 2.96
CA GLN A 158 -9.51 22.67 1.94
C GLN A 158 -9.20 21.20 2.17
N ASN A 159 -9.06 20.48 1.06
CA ASN A 159 -8.74 19.05 1.11
C ASN A 159 -7.48 18.78 1.92
N THR A 160 -7.64 17.87 2.87
CA THR A 160 -6.61 17.48 3.84
C THR A 160 -6.59 15.96 3.97
N LYS A 161 -5.38 15.38 3.98
CA LYS A 161 -5.19 13.93 4.07
C LYS A 161 -4.32 13.59 5.27
N PHE A 162 -4.65 12.49 5.94
CA PHE A 162 -3.76 11.89 6.93
C PHE A 162 -3.16 10.62 6.35
N THR A 163 -1.82 10.59 6.30
CA THR A 163 -1.09 9.39 5.92
C THR A 163 -0.49 8.78 7.19
N PRO A 164 -0.84 7.52 7.51
CA PRO A 164 -0.31 6.89 8.71
C PRO A 164 1.14 6.47 8.56
N VAL A 165 1.90 6.53 9.65
CA VAL A 165 3.27 6.05 9.66
C VAL A 165 3.49 4.95 10.68
N GLY A 166 3.06 5.17 11.91
CA GLY A 166 3.32 4.22 12.98
C GLY A 166 2.51 4.53 14.21
N VAL A 167 2.98 4.01 15.34
CA VAL A 167 2.26 4.12 16.59
C VAL A 167 3.18 4.66 17.68
N ILE A 168 2.56 5.24 18.70
CA ILE A 168 3.27 5.76 19.84
C ILE A 168 2.73 5.22 21.15
N GLN A 169 3.52 5.43 22.20
CA GLN A 169 3.10 5.11 23.55
C GLN A 169 3.50 6.31 24.38
N ASP A 170 2.52 6.84 25.13
CA ASP A 170 2.75 8.00 26.00
C ASP A 170 1.64 8.07 27.02
N GLY A 171 1.62 9.13 27.82
CA GLY A 171 0.52 9.36 28.74
C GLY A 171 0.54 8.49 29.98
N GLY A 172 1.69 7.89 30.28
CA GLY A 172 1.84 7.11 31.51
C GLY A 172 1.30 5.69 31.41
N THR A 173 0.95 5.27 30.21
CA THR A 173 0.57 3.89 29.99
C THR A 173 1.80 3.04 30.27
N THR A 174 1.60 1.75 30.53
CA THR A 174 2.73 0.86 30.84
C THR A 174 3.46 0.49 29.54
N HIS A 175 4.77 0.30 29.59
CA HIS A 175 5.55 -0.05 28.38
C HIS A 175 4.95 -1.25 27.67
N ARG A 176 4.77 -1.10 26.36
CA ARG A 176 4.20 -2.13 25.50
CA ARG A 176 4.20 -2.16 25.52
C ARG A 176 2.76 -2.52 25.84
N ASN A 177 2.07 -1.67 26.57
CA ASN A 177 0.66 -1.93 26.90
C ASN A 177 -0.29 -1.14 25.99
N GLU A 178 0.26 -0.44 25.01
CA GLU A 178 -0.52 0.17 23.93
C GLU A 178 0.38 0.23 22.72
N PRO A 179 -0.21 0.22 21.51
CA PRO A 179 -1.61 0.01 21.16
C PRO A 179 -2.15 -1.32 21.68
N GLN A 180 -3.47 -1.47 21.61
CA GLN A 180 -4.17 -2.68 22.01
C GLN A 180 -4.84 -3.22 20.76
N GLN A 181 -4.15 -4.10 20.03
CA GLN A 181 -4.55 -4.43 18.67
C GLN A 181 -5.87 -5.19 18.58
N TRP A 182 -6.30 -5.78 19.69
CA TRP A 182 -7.56 -6.55 19.71
C TRP A 182 -8.72 -5.79 20.33
N VAL A 183 -8.51 -4.53 20.71
CA VAL A 183 -9.60 -3.69 21.19
C VAL A 183 -10.17 -2.86 20.05
N LEU A 184 -11.41 -3.12 19.68
CA LEU A 184 -12.07 -2.33 18.65
C LEU A 184 -12.37 -0.92 19.14
N PRO A 185 -12.15 0.08 18.28
CA PRO A 185 -12.68 1.41 18.60
C PRO A 185 -14.21 1.40 18.68
N SER A 186 -14.76 2.41 19.36
CA SER A 186 -16.19 2.72 19.26
CA SER A 186 -16.19 2.69 19.25
C SER A 186 -16.33 3.68 18.09
N TYR A 187 -16.74 3.14 16.94
CA TYR A 187 -16.71 3.89 15.69
C TYR A 187 -17.60 5.12 15.63
N SER A 188 -18.66 5.16 16.44
CA SER A 188 -19.52 6.34 16.52
C SER A 188 -19.26 7.19 17.78
N GLY A 189 -18.16 6.92 18.47
CA GLY A 189 -17.82 7.64 19.68
C GLY A 189 -18.12 6.90 20.96
N ARG A 190 -17.64 7.45 22.07
CA ARG A 190 -17.82 6.85 23.37
C ARG A 190 -19.28 6.54 23.66
N ASN A 191 -19.52 5.33 24.15
CA ASN A 191 -20.84 4.88 24.60
C ASN A 191 -21.88 4.71 23.49
N THR A 192 -21.41 4.46 22.28
CA THR A 192 -22.26 4.08 21.18
C THR A 192 -21.92 2.64 20.80
N HIS A 193 -22.87 1.92 20.24
CA HIS A 193 -22.65 0.53 19.89
C HIS A 193 -22.22 0.42 18.44
N ASN A 194 -21.18 -0.38 18.20
CA ASN A 194 -20.74 -0.64 16.84
C ASN A 194 -21.77 -1.46 16.09
N VAL A 195 -21.79 -1.29 14.77
CA VAL A 195 -22.76 -1.98 13.92
C VAL A 195 -22.07 -2.67 12.76
N HIS A 196 -22.76 -3.69 12.22
CA HIS A 196 -22.35 -4.35 10.97
C HIS A 196 -20.95 -4.95 11.04
N LEU A 197 -20.57 -5.41 12.22
CA LEU A 197 -19.22 -5.95 12.41
C LEU A 197 -19.05 -7.33 11.82
N ALA A 198 -17.85 -7.57 11.29
CA ALA A 198 -17.41 -8.91 11.00
C ALA A 198 -17.31 -9.63 12.33
N PRO A 199 -17.69 -10.91 12.40
CA PRO A 199 -17.71 -11.61 13.68
C PRO A 199 -16.33 -11.88 14.29
N ALA A 200 -16.33 -12.09 15.60
CA ALA A 200 -15.13 -12.57 16.28
C ALA A 200 -14.81 -13.97 15.78
N VAL A 201 -13.53 -14.32 15.82
CA VAL A 201 -13.09 -15.65 15.40
C VAL A 201 -12.31 -16.29 16.53
N ALA A 202 -12.38 -17.61 16.59
CA ALA A 202 -11.62 -18.36 17.56
C ALA A 202 -11.43 -19.78 17.07
N PRO A 203 -10.36 -20.43 17.52
CA PRO A 203 -10.22 -21.85 17.23
C PRO A 203 -11.29 -22.58 18.03
N THR A 204 -11.94 -23.56 17.46
CA THR A 204 -12.94 -24.33 18.22
C THR A 204 -12.53 -25.79 18.35
N PHE A 205 -11.65 -26.24 17.48
CA PHE A 205 -11.23 -27.63 17.47
C PHE A 205 -10.13 -27.86 18.52
N PRO A 206 -10.25 -28.93 19.33
CA PRO A 206 -9.24 -29.08 20.38
C PRO A 206 -7.82 -29.18 19.83
N GLY A 207 -6.90 -28.44 20.42
CA GLY A 207 -5.50 -28.48 20.02
C GLY A 207 -5.17 -27.50 18.91
N GLU A 208 -6.16 -26.73 18.46
CA GLU A 208 -5.92 -25.70 17.44
C GLU A 208 -5.78 -24.29 18.00
N GLN A 209 -5.00 -23.48 17.26
CA GLN A 209 -4.85 -22.05 17.50
C GLN A 209 -5.00 -21.33 16.18
N LEU A 210 -5.30 -20.04 16.26
CA LEU A 210 -5.22 -19.18 15.08
C LEU A 210 -3.79 -19.08 14.59
N LEU A 211 -3.65 -18.98 13.28
CA LEU A 211 -2.39 -18.59 12.65
C LEU A 211 -2.52 -17.13 12.23
N PHE A 212 -1.56 -16.33 12.67
CA PHE A 212 -1.57 -14.90 12.43
C PHE A 212 -0.49 -14.52 11.42
N PHE A 213 -0.84 -13.56 10.56
CA PHE A 213 0.07 -13.00 9.59
C PHE A 213 0.56 -11.70 10.21
N ARG A 214 1.84 -11.66 10.57
CA ARG A 214 2.35 -10.65 11.49
C ARG A 214 3.30 -9.66 10.85
N SER A 215 3.13 -8.40 11.24
CA SER A 215 4.08 -7.33 10.95
C SER A 215 4.45 -6.60 12.22
N THR A 216 5.46 -5.74 12.09
CA THR A 216 5.89 -4.87 13.16
C THR A 216 5.59 -3.43 12.71
N MET A 217 4.65 -2.78 13.39
CA MET A 217 4.36 -1.39 13.06
C MET A 217 5.52 -0.50 13.46
N PRO A 218 5.86 0.46 12.62
CA PRO A 218 6.86 1.43 13.06
C PRO A 218 6.43 2.12 14.36
N GLY A 219 7.40 2.33 15.24
CA GLY A 219 7.20 3.11 16.43
C GLY A 219 7.74 4.52 16.27
N CYS A 220 6.96 5.50 16.72
CA CYS A 220 7.30 6.91 16.52
C CYS A 220 7.66 7.65 17.81
N SER A 221 7.44 7.03 18.95
CA SER A 221 7.76 7.63 20.25
C SER A 221 7.38 6.65 21.35
N GLY A 222 8.16 6.63 22.43
CA GLY A 222 7.83 5.83 23.58
C GLY A 222 8.16 4.36 23.36
N TYR A 223 7.43 3.50 24.07
CA TYR A 223 7.67 2.06 24.08
C TYR A 223 6.39 1.33 23.66
N PRO A 224 5.98 1.48 22.40
CA PRO A 224 4.73 0.83 21.99
C PRO A 224 4.86 -0.68 21.79
N ASN A 225 3.72 -1.36 21.90
CA ASN A 225 3.61 -2.71 21.39
C ASN A 225 3.38 -2.63 19.90
N MET A 226 4.37 -3.03 19.12
CA MET A 226 4.33 -2.87 17.68
C MET A 226 3.85 -4.10 16.93
N ASP A 227 3.49 -5.17 17.65
CA ASP A 227 2.98 -6.35 16.97
C ASP A 227 1.64 -6.07 16.32
N LEU A 228 1.50 -6.46 15.06
CA LEU A 228 0.21 -6.35 14.39
C LEU A 228 -0.08 -7.61 13.60
N ASP A 229 -1.14 -8.28 14.01
CA ASP A 229 -1.53 -9.57 13.47
C ASP A 229 -2.79 -9.43 12.65
N CYS A 230 -2.76 -9.93 11.42
CA CYS A 230 -3.97 -9.98 10.61
C CYS A 230 -4.37 -11.43 10.31
N LEU A 231 -5.64 -11.64 9.97
CA LEU A 231 -6.16 -12.98 9.78
C LEU A 231 -5.93 -13.47 8.37
N LEU A 232 -5.78 -12.53 7.44
CA LEU A 232 -5.55 -12.82 6.02
C LEU A 232 -4.62 -11.77 5.47
N PRO A 233 -3.63 -12.19 4.66
CA PRO A 233 -2.86 -11.16 3.95
C PRO A 233 -3.78 -10.32 3.09
N GLN A 234 -3.42 -9.06 2.89
CA GLN A 234 -4.23 -8.22 2.02
C GLN A 234 -4.35 -8.86 0.61
N GLU A 235 -3.29 -9.52 0.15
CA GLU A 235 -3.32 -10.10 -1.18
C GLU A 235 -4.31 -11.26 -1.28
N TRP A 236 -4.58 -11.94 -0.16
CA TRP A 236 -5.59 -12.99 -0.17
C TRP A 236 -6.99 -12.37 -0.28
N VAL A 237 -7.23 -11.26 0.42
CA VAL A 237 -8.47 -10.51 0.25
C VAL A 237 -8.65 -10.13 -1.23
N GLN A 238 -7.60 -9.58 -1.83
CA GLN A 238 -7.65 -9.12 -3.20
C GLN A 238 -7.95 -10.29 -4.13
N TYR A 239 -7.29 -11.41 -3.88
CA TYR A 239 -7.41 -12.59 -4.75
C TYR A 239 -8.79 -13.24 -4.64
N PHE A 240 -9.28 -13.44 -3.42
CA PHE A 240 -10.59 -14.06 -3.25
C PHE A 240 -11.67 -13.17 -3.84
N TYR A 241 -11.54 -11.86 -3.65
CA TYR A 241 -12.49 -10.92 -4.24
C TYR A 241 -12.55 -11.07 -5.76
N GLN A 242 -11.37 -11.25 -6.36
CA GLN A 242 -11.30 -11.35 -7.80
CA GLN A 242 -11.19 -11.39 -7.79
C GLN A 242 -11.73 -12.72 -8.33
N GLU A 243 -11.32 -13.80 -7.65
CA GLU A 243 -11.64 -15.16 -8.08
C GLU A 243 -13.08 -15.57 -7.81
N ALA A 244 -13.56 -15.22 -6.63
CA ALA A 244 -14.91 -15.56 -6.21
C ALA A 244 -15.25 -17.04 -6.45
N ALA A 245 -14.34 -17.92 -6.07
CA ALA A 245 -14.55 -19.35 -6.26
C ALA A 245 -15.38 -19.89 -5.10
N PRO A 246 -16.42 -20.70 -5.40
CA PRO A 246 -17.29 -21.21 -4.34
C PRO A 246 -16.57 -22.13 -3.37
N ALA A 247 -16.90 -22.01 -2.09
CA ALA A 247 -16.39 -22.94 -1.08
C ALA A 247 -17.16 -24.25 -1.16
N GLN A 248 -16.45 -25.36 -1.29
CA GLN A 248 -17.10 -26.67 -1.41
C GLN A 248 -17.31 -27.32 -0.05
N SER A 249 -16.64 -26.78 0.98
CA SER A 249 -16.88 -27.19 2.35
C SER A 249 -16.52 -26.01 3.24
N ASP A 250 -16.60 -26.20 4.56
CA ASP A 250 -16.30 -25.14 5.52
C ASP A 250 -14.82 -24.81 5.61
N VAL A 251 -13.97 -25.70 5.12
CA VAL A 251 -12.54 -25.58 5.38
C VAL A 251 -11.73 -26.01 4.18
N ALA A 252 -10.80 -25.14 3.79
CA ALA A 252 -9.83 -25.43 2.74
C ALA A 252 -8.52 -25.83 3.42
N LEU A 253 -8.05 -27.03 3.13
CA LEU A 253 -6.79 -27.50 3.67
C LEU A 253 -5.63 -26.94 2.84
N LEU A 254 -4.75 -26.18 3.49
CA LEU A 254 -3.58 -25.61 2.80
C LEU A 254 -2.34 -26.26 3.33
N ARG A 255 -1.39 -26.49 2.44
CA ARG A 255 -0.06 -26.94 2.81
C ARG A 255 0.92 -25.82 2.52
N PHE A 256 1.84 -25.57 3.45
CA PHE A 256 2.91 -24.60 3.25
C PHE A 256 4.14 -25.36 2.78
N VAL A 257 4.55 -25.05 1.55
CA VAL A 257 5.56 -25.82 0.84
C VAL A 257 6.90 -25.09 0.84
N ASN A 258 7.98 -25.85 1.00
CA ASN A 258 9.33 -25.33 0.95
C ASN A 258 9.96 -25.71 -0.38
N PRO A 259 10.12 -24.75 -1.30
CA PRO A 259 10.67 -25.12 -2.62
C PRO A 259 12.12 -25.59 -2.55
N ASP A 260 12.84 -25.26 -1.48
CA ASP A 260 14.25 -25.67 -1.39
C ASP A 260 14.42 -27.14 -1.06
N THR A 261 13.36 -27.76 -0.56
CA THR A 261 13.42 -29.19 -0.25
C THR A 261 12.35 -29.98 -0.99
N GLY A 262 11.30 -29.29 -1.43
CA GLY A 262 10.15 -29.95 -2.03
C GLY A 262 9.14 -30.49 -1.02
N ARG A 263 9.42 -30.32 0.27
CA ARG A 263 8.59 -30.91 1.32
C ARG A 263 7.65 -29.88 1.95
N VAL A 264 6.58 -30.41 2.54
CA VAL A 264 5.62 -29.62 3.31
C VAL A 264 6.20 -29.28 4.68
N LEU A 265 6.16 -28.01 5.05
CA LEU A 265 6.57 -27.58 6.37
C LEU A 265 5.46 -27.75 7.40
N PHE A 266 4.26 -27.33 7.05
CA PHE A 266 3.10 -27.49 7.91
C PHE A 266 1.85 -27.42 7.07
N GLU A 267 0.75 -27.87 7.64
CA GLU A 267 -0.56 -27.70 7.01
C GLU A 267 -1.48 -26.92 7.95
N CYS A 268 -2.53 -26.33 7.39
CA CYS A 268 -3.41 -25.48 8.16
C CYS A 268 -4.80 -25.46 7.54
N LYS A 269 -5.78 -25.01 8.32
CA LYS A 269 -7.15 -24.90 7.86
C LYS A 269 -7.44 -23.47 7.51
N LEU A 270 -7.83 -23.22 6.26
CA LEU A 270 -8.38 -21.93 5.88
C LEU A 270 -9.90 -22.04 5.93
N HIS A 271 -10.48 -21.46 6.98
CA HIS A 271 -11.92 -21.47 7.15
C HIS A 271 -12.59 -20.57 6.12
N LYS A 272 -13.73 -21.03 5.60
CA LYS A 272 -14.35 -20.32 4.50
C LYS A 272 -14.77 -18.89 4.87
N SER A 273 -15.00 -18.64 6.17
CA SER A 273 -15.36 -17.30 6.62
C SER A 273 -14.13 -16.38 6.72
N GLY A 274 -12.95 -16.92 6.46
CA GLY A 274 -11.76 -16.10 6.26
C GLY A 274 -10.81 -15.96 7.46
N TYR A 275 -10.29 -17.09 7.92
CA TYR A 275 -9.24 -17.09 8.93
C TYR A 275 -8.60 -18.45 8.93
N VAL A 276 -7.44 -18.56 9.57
CA VAL A 276 -6.63 -19.77 9.49
C VAL A 276 -6.34 -20.34 10.88
N THR A 277 -6.40 -21.67 11.00
CA THR A 277 -5.97 -22.33 12.23
C THR A 277 -4.92 -23.39 11.96
N VAL A 278 -4.14 -23.68 13.00
CA VAL A 278 -3.10 -24.70 12.98
C VAL A 278 -3.21 -25.54 14.24
N ALA A 279 -2.66 -26.75 14.19
CA ALA A 279 -2.62 -27.63 15.36
C ALA A 279 -1.34 -27.36 16.12
N HIS A 280 -1.42 -26.54 17.14
CA HIS A 280 -0.31 -26.21 18.02
C HIS A 280 -0.82 -25.64 19.32
N THR A 281 -0.08 -25.90 20.38
CA THR A 281 -0.40 -25.34 21.68
C THR A 281 0.80 -24.57 22.19
N GLY A 282 0.62 -23.26 22.35
CA GLY A 282 1.67 -22.38 22.84
C GLY A 282 2.00 -21.27 21.86
N GLN A 283 2.77 -20.29 22.33
CA GLN A 283 3.25 -19.22 21.47
CA GLN A 283 3.24 -19.23 21.46
C GLN A 283 4.42 -19.73 20.63
N HIS A 284 4.38 -19.46 19.34
CA HIS A 284 5.43 -19.95 18.43
C HIS A 284 5.63 -19.03 17.26
N ASP A 285 6.85 -18.55 17.10
CA ASP A 285 7.26 -17.85 15.88
C ASP A 285 7.66 -18.88 14.83
N LEU A 286 6.91 -18.98 13.73
CA LEU A 286 7.22 -19.97 12.72
C LEU A 286 8.52 -19.60 12.01
N VAL A 287 9.36 -20.62 11.82
CA VAL A 287 10.62 -20.49 11.09
C VAL A 287 10.40 -21.06 9.69
N ILE A 288 10.32 -20.16 8.71
CA ILE A 288 9.93 -20.53 7.36
C ILE A 288 11.01 -20.18 6.38
N PRO A 289 11.10 -20.93 5.28
CA PRO A 289 11.97 -20.52 4.18
C PRO A 289 11.39 -19.26 3.53
N PRO A 290 12.24 -18.30 3.13
CA PRO A 290 11.66 -17.05 2.64
C PRO A 290 10.92 -17.22 1.32
N ASN A 291 11.22 -18.30 0.60
CA ASN A 291 10.53 -18.63 -0.64
C ASN A 291 9.37 -19.61 -0.45
N GLY A 292 9.01 -19.89 0.80
CA GLY A 292 7.88 -20.76 1.06
C GLY A 292 6.57 -20.13 0.63
N TYR A 293 5.56 -20.95 0.35
CA TYR A 293 4.26 -20.41 -0.03
C TYR A 293 3.16 -21.41 0.33
N PHE A 294 1.92 -20.91 0.40
CA PHE A 294 0.77 -21.74 0.69
C PHE A 294 0.16 -22.31 -0.58
N ARG A 295 -0.36 -23.53 -0.49
CA ARG A 295 -0.96 -24.23 -1.62
C ARG A 295 -2.24 -24.90 -1.17
N PHE A 296 -3.34 -24.62 -1.87
CA PHE A 296 -4.60 -25.28 -1.55
C PHE A 296 -4.59 -26.71 -2.08
N ASP A 297 -4.88 -27.67 -1.21
CA ASP A 297 -4.86 -29.07 -1.62
C ASP A 297 -6.23 -29.74 -1.64
N SER A 298 -7.10 -29.44 -0.68
CA SER A 298 -8.41 -30.08 -0.69
C SER A 298 -9.40 -29.42 0.24
N TRP A 299 -10.68 -29.56 -0.10
CA TRP A 299 -11.76 -29.21 0.81
C TRP A 299 -11.96 -30.33 1.83
N VAL A 300 -11.92 -29.96 3.11
CA VAL A 300 -12.16 -30.93 4.18
C VAL A 300 -13.26 -30.38 5.09
N ASN A 301 -13.57 -31.07 6.17
CA ASN A 301 -14.57 -30.54 7.07
CA ASN A 301 -14.58 -30.63 7.13
C ASN A 301 -13.95 -29.83 8.26
N GLN A 302 -14.75 -29.11 9.02
CA GLN A 302 -14.22 -28.44 10.19
CA GLN A 302 -14.27 -28.44 10.23
C GLN A 302 -13.71 -29.45 11.22
N PHE A 303 -14.08 -30.72 11.08
CA PHE A 303 -13.71 -31.78 12.01
CA PHE A 303 -13.62 -31.68 12.07
C PHE A 303 -12.46 -32.56 11.58
N TYR A 304 -11.79 -32.07 10.56
CA TYR A 304 -10.56 -32.68 10.09
C TYR A 304 -9.46 -32.44 11.13
N THR A 305 -8.64 -33.44 11.39
CA THR A 305 -7.52 -33.31 12.33
C THR A 305 -6.24 -33.02 11.56
N LEU A 306 -5.67 -31.86 11.81
CA LEU A 306 -4.42 -31.45 11.17
C LEU A 306 -3.24 -32.19 11.74
N ALA A 307 -2.22 -32.38 10.90
CA ALA A 307 -0.92 -32.82 11.39
C ALA A 307 -0.38 -31.72 12.31
N PRO A 308 0.19 -32.07 13.46
CA PRO A 308 0.79 -31.07 14.35
C PRO A 308 1.79 -30.18 13.64
N MET A 309 1.74 -28.89 13.95
CA MET A 309 2.50 -27.88 13.22
C MET A 309 3.97 -28.01 13.56
N PRO B 1 -1.29 -22.32 -29.77
CA PRO B 1 -2.74 -22.18 -29.94
C PRO B 1 -3.50 -22.67 -28.72
N GLY B 2 -4.52 -21.91 -28.31
CA GLY B 2 -5.33 -22.31 -27.16
C GLY B 2 -4.68 -22.01 -25.82
N SER B 3 -3.73 -21.08 -25.81
CA SER B 3 -2.99 -20.78 -24.58
C SER B 3 -3.92 -20.18 -23.50
N LYS B 4 -3.46 -20.26 -22.25
CA LYS B 4 -4.26 -19.79 -21.11
C LYS B 4 -4.82 -18.40 -21.40
N PRO B 5 -6.14 -18.24 -21.31
CA PRO B 5 -6.71 -16.94 -21.67
C PRO B 5 -6.18 -15.78 -20.83
N PHE B 6 -5.80 -14.72 -21.52
CA PHE B 6 -5.41 -13.50 -20.89
C PHE B 6 -6.65 -12.76 -20.41
N SER B 7 -6.48 -11.89 -19.43
CA SER B 7 -7.55 -11.05 -18.92
C SER B 7 -6.93 -9.92 -18.11
N VAL B 8 -7.73 -8.90 -17.81
CA VAL B 8 -7.35 -7.89 -16.84
C VAL B 8 -8.35 -7.94 -15.68
N PRO B 9 -7.96 -7.48 -14.50
CA PRO B 9 -8.89 -7.61 -13.38
C PRO B 9 -10.09 -6.70 -13.53
N VAL B 10 -11.20 -7.12 -12.92
CA VAL B 10 -12.39 -6.32 -12.85
C VAL B 10 -12.21 -5.48 -11.59
N LEU B 11 -11.55 -4.36 -11.78
CA LEU B 11 -11.37 -3.37 -10.74
C LEU B 11 -11.57 -2.01 -11.37
N THR B 12 -12.25 -1.14 -10.65
CA THR B 12 -12.42 0.21 -11.12
C THR B 12 -11.13 1.01 -10.88
N VAL B 13 -10.99 2.13 -11.56
CA VAL B 13 -9.84 2.98 -11.35
C VAL B 13 -9.71 3.35 -9.87
N GLU B 14 -10.79 3.78 -9.23
CA GLU B 14 -10.72 4.19 -7.84
C GLU B 14 -10.44 3.06 -6.86
N GLU B 15 -10.63 1.82 -7.31
CA GLU B 15 -10.29 0.65 -6.51
C GLU B 15 -8.81 0.28 -6.60
N MET B 16 -8.07 0.94 -7.50
CA MET B 16 -6.70 0.58 -7.79
C MET B 16 -5.71 1.57 -7.23
N THR B 17 -4.43 1.26 -7.41
CA THR B 17 -3.34 1.93 -6.73
C THR B 17 -2.27 2.35 -7.73
N ASN B 18 -1.69 3.53 -7.54
CA ASN B 18 -0.55 3.93 -8.33
C ASN B 18 0.59 2.97 -8.11
N SER B 19 1.30 2.63 -9.17
CA SER B 19 2.45 1.75 -9.09
C SER B 19 3.76 2.50 -8.91
N ARG B 20 3.69 3.83 -8.77
CA ARG B 20 4.91 4.64 -8.63
C ARG B 20 5.01 5.40 -7.30
N PHE B 21 3.96 5.31 -6.49
CA PHE B 21 3.93 5.95 -5.16
C PHE B 21 2.75 5.32 -4.42
N PRO B 22 2.83 5.16 -3.09
CA PRO B 22 1.79 4.38 -2.40
C PRO B 22 0.51 5.16 -2.10
N ILE B 23 -0.22 5.44 -3.17
CA ILE B 23 -1.46 6.21 -3.10
C ILE B 23 -2.45 5.64 -4.13
N PRO B 24 -3.75 5.80 -3.88
CA PRO B 24 -4.75 5.28 -4.82
C PRO B 24 -4.72 5.98 -6.16
N LEU B 25 -5.15 5.28 -7.21
CA LEU B 25 -5.44 5.94 -8.45
C LEU B 25 -6.64 6.84 -8.29
N GLU B 26 -6.66 7.91 -9.10
CA GLU B 26 -7.77 8.86 -9.11
C GLU B 26 -8.47 9.00 -10.44
N LYS B 27 -7.71 8.93 -11.53
CA LYS B 27 -8.25 9.27 -12.83
C LYS B 27 -7.36 8.77 -13.97
N LEU B 28 -7.91 8.84 -15.17
CA LEU B 28 -7.19 8.50 -16.39
C LEU B 28 -6.92 9.78 -17.16
N PHE B 29 -5.74 9.86 -17.72
CA PHE B 29 -5.29 11.04 -18.44
C PHE B 29 -4.54 10.62 -19.69
N THR B 30 -4.76 11.33 -20.79
CA THR B 30 -3.93 11.17 -21.96
C THR B 30 -3.39 12.52 -22.42
N GLY B 31 -2.18 12.51 -22.97
CA GLY B 31 -1.59 13.72 -23.50
C GLY B 31 -0.40 13.35 -24.36
N PRO B 32 0.08 14.31 -25.16
CA PRO B 32 1.29 14.06 -25.95
C PRO B 32 2.50 13.86 -25.05
N SER B 33 3.45 13.02 -25.48
CA SER B 33 4.64 12.77 -24.68
C SER B 33 5.93 12.87 -25.48
N SER B 34 5.87 13.48 -26.66
CA SER B 34 7.06 13.54 -27.51
C SER B 34 8.14 14.47 -26.94
N ALA B 35 7.76 15.34 -26.02
CA ALA B 35 8.73 16.26 -25.39
C ALA B 35 9.46 15.66 -24.18
N PHE B 36 9.06 14.47 -23.75
CA PHE B 36 9.83 13.86 -22.68
C PHE B 36 10.14 12.41 -22.97
N VAL B 37 10.97 11.82 -22.14
CA VAL B 37 11.26 10.39 -22.23
CA VAL B 37 11.25 10.40 -22.23
C VAL B 37 10.51 9.67 -21.13
N VAL B 38 9.56 8.84 -21.52
CA VAL B 38 8.73 8.13 -20.57
C VAL B 38 9.37 6.78 -20.27
N GLN B 39 10.08 6.73 -19.16
CA GLN B 39 10.86 5.53 -18.80
C GLN B 39 10.78 5.23 -17.31
N PRO B 40 9.56 5.21 -16.76
CA PRO B 40 9.46 4.87 -15.33
C PRO B 40 9.97 3.45 -15.09
N GLN B 41 10.44 3.20 -13.89
CA GLN B 41 11.00 1.90 -13.53
C GLN B 41 10.10 1.11 -12.58
N ASN B 42 9.24 1.82 -11.86
CA ASN B 42 8.19 1.19 -11.08
C ASN B 42 6.91 1.11 -11.94
N GLY B 43 6.05 0.13 -11.69
CA GLY B 43 4.88 -0.09 -12.50
C GLY B 43 5.20 -0.63 -13.88
N ARG B 44 6.19 -1.50 -13.97
CA ARG B 44 6.65 -2.06 -15.24
C ARG B 44 6.57 -3.58 -15.17
N CYS B 45 5.81 -4.15 -16.11
CA CYS B 45 5.52 -5.58 -16.10
C CYS B 45 4.95 -5.95 -17.45
N THR B 46 5.38 -7.08 -18.00
CA THR B 46 4.77 -7.55 -19.23
C THR B 46 3.41 -8.18 -18.96
N THR B 47 2.60 -8.32 -20.00
CA THR B 47 1.27 -8.89 -19.82
C THR B 47 1.35 -10.34 -19.40
N ASP B 48 2.46 -11.02 -19.72
CA ASP B 48 2.62 -12.40 -19.28
C ASP B 48 3.35 -12.51 -17.93
N GLY B 49 3.48 -11.39 -17.22
CA GLY B 49 3.87 -11.44 -15.82
C GLY B 49 5.34 -11.32 -15.47
N VAL B 50 6.15 -10.80 -16.39
CA VAL B 50 7.57 -10.59 -16.11
C VAL B 50 7.77 -9.17 -15.58
N LEU B 51 8.19 -9.07 -14.31
CA LEU B 51 8.46 -7.78 -13.71
C LEU B 51 9.71 -7.17 -14.33
N LEU B 52 9.66 -5.85 -14.53
CA LEU B 52 10.75 -5.11 -15.16
C LEU B 52 11.24 -3.97 -14.28
N GLY B 53 12.40 -3.41 -14.61
CA GLY B 53 12.91 -2.24 -13.91
C GLY B 53 13.13 -2.51 -12.43
N THR B 54 12.55 -1.64 -11.59
CA THR B 54 12.62 -1.78 -10.14
C THR B 54 11.28 -2.23 -9.57
N THR B 55 10.44 -2.85 -10.40
CA THR B 55 9.08 -3.15 -9.98
C THR B 55 9.01 -4.37 -9.07
N GLN B 56 8.31 -4.21 -7.95
CA GLN B 56 7.99 -5.32 -7.04
C GLN B 56 6.48 -5.31 -6.79
N LEU B 57 5.98 -6.21 -5.95
CA LEU B 57 4.55 -6.53 -5.93
C LEU B 57 3.63 -5.72 -5.03
N SER B 58 4.11 -5.28 -3.88
CA SER B 58 3.17 -4.59 -2.99
C SER B 58 3.29 -3.08 -3.08
N PRO B 59 2.16 -2.38 -3.20
CA PRO B 59 2.33 -0.94 -3.33
C PRO B 59 2.83 -0.26 -2.08
N VAL B 60 2.73 -0.87 -0.91
CA VAL B 60 3.14 -0.14 0.29
C VAL B 60 4.66 0.04 0.39
N ASN B 61 5.42 -0.76 -0.34
CA ASN B 61 6.86 -0.69 -0.30
C ASN B 61 7.47 0.38 -1.22
N ILE B 62 6.66 0.94 -2.09
CA ILE B 62 7.17 1.87 -3.09
C ILE B 62 7.63 3.16 -2.42
N CYS B 63 8.86 3.57 -2.70
CA CYS B 63 9.48 4.77 -2.12
C CYS B 63 9.74 4.67 -0.59
N THR B 64 9.78 3.45 -0.06
CA THR B 64 10.27 3.23 1.31
C THR B 64 11.74 2.86 1.30
N PHE B 65 12.43 3.17 2.41
CA PHE B 65 13.82 2.76 2.57
C PHE B 65 13.98 2.20 3.97
N ARG B 66 14.92 1.28 4.13
CA ARG B 66 15.24 0.70 5.44
C ARG B 66 16.74 0.54 5.54
N GLY B 67 17.26 0.64 6.75
CA GLY B 67 18.66 0.42 7.00
C GLY B 67 19.08 0.99 8.33
N ASP B 68 20.31 1.48 8.38
CA ASP B 68 20.94 2.11 9.55
CA ASP B 68 20.66 2.22 9.57
C ASP B 68 21.31 3.53 9.16
N VAL B 69 21.37 4.46 10.11
CA VAL B 69 21.72 5.82 9.77
C VAL B 69 22.98 6.30 10.48
N THR B 70 23.73 7.14 9.77
CA THR B 70 24.95 7.73 10.25
C THR B 70 24.79 9.23 10.20
N HIS B 71 24.97 9.85 11.35
CA HIS B 71 24.79 11.27 11.46
C HIS B 71 25.94 11.99 10.77
N ILE B 72 25.60 12.99 9.98
CA ILE B 72 26.59 13.90 9.43
C ILE B 72 26.80 15.02 10.46
N THR B 73 27.91 14.94 11.19
CA THR B 73 28.13 15.80 12.35
C THR B 73 28.08 17.28 11.94
N GLY B 74 27.49 18.11 12.80
CA GLY B 74 27.31 19.51 12.50
C GLY B 74 26.11 19.80 11.61
N SER B 75 25.22 18.82 11.46
CA SER B 75 24.03 19.00 10.63
C SER B 75 22.86 18.21 11.19
N ARG B 76 21.73 18.28 10.50
CA ARG B 76 20.57 17.46 10.83
C ARG B 76 20.36 16.45 9.73
N ASN B 77 21.43 16.16 9.00
CA ASN B 77 21.36 15.21 7.90
CA ASN B 77 21.38 15.24 7.87
C ASN B 77 21.99 13.88 8.27
N TYR B 78 21.44 12.82 7.69
CA TYR B 78 21.86 11.47 7.96
C TYR B 78 22.04 10.70 6.67
N THR B 79 23.11 9.92 6.60
CA THR B 79 23.26 8.95 5.55
C THR B 79 22.62 7.66 6.01
N MET B 80 21.76 7.09 5.17
CA MET B 80 21.23 5.76 5.44
C MET B 80 22.01 4.75 4.63
N ASN B 81 22.57 3.78 5.34
CA ASN B 81 23.18 2.61 4.73
CA ASN B 81 23.16 2.63 4.66
C ASN B 81 22.07 1.59 4.54
N LEU B 82 21.65 1.35 3.30
CA LEU B 82 20.47 0.53 3.06
C LEU B 82 20.62 -0.93 3.45
N ALA B 83 19.54 -1.45 3.98
CA ALA B 83 19.29 -2.88 4.15
C ALA B 83 18.34 -3.35 3.05
N SER B 84 18.22 -4.67 2.92
CA SER B 84 17.11 -5.26 2.19
C SER B 84 15.81 -4.93 2.90
N GLN B 85 14.71 -5.04 2.17
CA GLN B 85 13.40 -4.75 2.74
C GLN B 85 13.02 -5.63 3.94
N ASN B 86 13.57 -6.84 3.99
CA ASN B 86 13.35 -7.74 5.12
C ASN B 86 14.38 -7.60 6.22
N TRP B 87 15.17 -6.53 6.13
CA TRP B 87 16.20 -6.16 7.12
C TRP B 87 17.49 -6.98 7.00
N ASN B 88 17.56 -7.90 6.05
CA ASN B 88 18.84 -8.55 5.74
C ASN B 88 19.82 -7.57 5.11
N ASP B 89 21.08 -7.99 5.02
CA ASP B 89 22.07 -7.22 4.29
C ASP B 89 21.59 -6.93 2.88
N TYR B 90 21.88 -5.72 2.41
CA TYR B 90 21.62 -5.33 1.03
C TYR B 90 22.56 -6.07 0.08
N ASP B 91 22.00 -6.64 -0.98
CA ASP B 91 22.76 -7.33 -2.01
C ASP B 91 22.69 -6.52 -3.29
N PRO B 92 23.75 -5.77 -3.61
CA PRO B 92 23.72 -4.95 -4.81
C PRO B 92 23.94 -5.72 -6.11
N THR B 93 24.19 -7.03 -6.03
CA THR B 93 24.59 -7.77 -7.24
C THR B 93 23.43 -8.17 -8.14
N GLU B 94 22.18 -8.00 -7.70
CA GLU B 94 21.07 -8.36 -8.57
CA GLU B 94 21.04 -8.31 -8.55
C GLU B 94 21.07 -7.45 -9.80
N GLU B 95 20.66 -8.01 -10.93
CA GLU B 95 20.64 -7.29 -12.20
C GLU B 95 19.38 -6.44 -12.31
N ILE B 96 19.34 -5.42 -11.46
CA ILE B 96 18.26 -4.45 -11.41
C ILE B 96 18.88 -3.06 -11.28
N PRO B 97 18.11 -2.01 -11.61
CA PRO B 97 18.69 -0.65 -11.60
C PRO B 97 19.02 -0.14 -10.20
N ALA B 98 18.33 -0.69 -9.22
CA ALA B 98 18.33 -0.19 -7.86
C ALA B 98 17.42 -1.14 -7.08
N PRO B 99 17.44 -1.05 -5.74
CA PRO B 99 16.53 -1.93 -5.01
C PRO B 99 15.10 -1.78 -5.51
N LEU B 100 14.37 -2.88 -5.49
CA LEU B 100 12.99 -2.85 -5.97
C LEU B 100 12.20 -1.86 -5.12
N GLY B 101 11.41 -1.02 -5.80
CA GLY B 101 10.61 -0.02 -5.13
C GLY B 101 11.28 1.34 -4.95
N THR B 102 12.57 1.45 -5.28
CA THR B 102 13.28 2.73 -5.23
C THR B 102 12.50 3.78 -6.01
N PRO B 103 12.46 5.05 -5.53
CA PRO B 103 11.82 6.09 -6.34
C PRO B 103 12.39 6.15 -7.75
N ASP B 104 11.52 6.34 -8.74
CA ASP B 104 11.95 6.41 -10.14
C ASP B 104 11.78 7.78 -10.78
N PHE B 105 11.78 8.81 -9.95
CA PHE B 105 11.72 10.18 -10.42
C PHE B 105 12.56 11.07 -9.55
N VAL B 106 12.99 12.20 -10.13
CA VAL B 106 13.72 13.22 -9.41
C VAL B 106 12.76 14.17 -8.71
N GLY B 107 12.90 14.23 -7.40
CA GLY B 107 12.08 15.10 -6.60
C GLY B 107 12.50 15.05 -5.15
N LYS B 108 11.87 15.89 -4.38
CA LYS B 108 12.11 15.98 -2.94
C LYS B 108 10.93 15.31 -2.26
N ILE B 109 11.16 14.10 -1.75
CA ILE B 109 10.12 13.27 -1.17
C ILE B 109 10.22 13.40 0.33
N GLN B 110 9.14 13.86 0.95
CA GLN B 110 9.09 14.04 2.38
C GLN B 110 8.29 12.92 3.00
N GLY B 111 8.73 12.52 4.18
CA GLY B 111 8.09 11.46 4.93
C GLY B 111 8.60 11.47 6.34
N VAL B 112 8.68 10.28 6.93
CA VAL B 112 9.07 10.15 8.33
C VAL B 112 10.09 9.04 8.46
N LEU B 113 11.20 9.34 9.14
CA LEU B 113 12.17 8.32 9.53
C LEU B 113 11.79 7.85 10.92
N THR B 114 11.61 6.55 11.05
CA THR B 114 11.31 5.92 12.35
C THR B 114 12.41 4.95 12.73
N GLN B 115 12.57 4.77 14.04
CA GLN B 115 13.65 3.93 14.54
C GLN B 115 13.23 3.28 15.84
N THR B 116 13.65 2.03 16.01
CA THR B 116 13.49 1.30 17.26
C THR B 116 14.86 0.89 17.78
N THR B 117 15.11 1.17 19.05
CA THR B 117 16.32 0.68 19.72
C THR B 117 16.07 -0.74 20.17
N ARG B 118 16.91 -1.67 19.71
CA ARG B 118 16.67 -3.09 19.99
C ARG B 118 16.60 -3.44 21.47
N THR B 119 17.53 -2.90 22.28
CA THR B 119 17.66 -3.39 23.65
C THR B 119 16.42 -3.16 24.50
N ASP B 120 15.78 -2.01 24.33
CA ASP B 120 14.67 -1.63 25.21
C ASP B 120 13.35 -1.33 24.48
N GLY B 121 13.34 -1.42 23.16
CA GLY B 121 12.12 -1.17 22.42
C GLY B 121 11.69 0.28 22.44
N SER B 122 12.62 1.18 22.75
CA SER B 122 12.33 2.60 22.66
C SER B 122 12.28 3.01 21.18
N THR B 123 11.43 3.98 20.89
CA THR B 123 11.17 4.38 19.51
C THR B 123 11.19 5.89 19.32
N ARG B 124 11.35 6.31 18.07
CA ARG B 124 11.41 7.71 17.73
C ARG B 124 11.10 7.89 16.26
N GLY B 125 10.48 9.00 15.93
CA GLY B 125 10.14 9.31 14.56
C GLY B 125 10.31 10.79 14.30
N HIS B 126 10.87 11.14 13.14
CA HIS B 126 11.11 12.54 12.80
C HIS B 126 10.91 12.77 11.31
N LYS B 127 10.41 13.95 10.98
CA LYS B 127 10.26 14.37 9.61
C LYS B 127 11.60 14.25 8.87
N ALA B 128 11.54 13.78 7.64
CA ALA B 128 12.74 13.56 6.85
C ALA B 128 12.42 13.77 5.38
N THR B 129 13.41 14.25 4.63
CA THR B 129 13.25 14.49 3.19
C THR B 129 14.45 13.91 2.45
N VAL B 130 14.18 13.17 1.39
CA VAL B 130 15.22 12.68 0.49
C VAL B 130 15.06 13.39 -0.85
N TYR B 131 16.16 13.91 -1.35
CA TYR B 131 16.20 14.53 -2.67
C TYR B 131 16.83 13.55 -3.63
N THR B 132 16.01 12.96 -4.49
CA THR B 132 16.46 11.87 -5.35
C THR B 132 17.29 12.38 -6.54
N GLY B 133 17.41 13.70 -6.68
CA GLY B 133 18.32 14.31 -7.62
C GLY B 133 19.66 14.70 -7.02
N SER B 134 19.85 14.40 -5.74
CA SER B 134 21.08 14.75 -5.04
C SER B 134 22.23 13.96 -5.64
N ALA B 135 23.40 14.58 -5.67
CA ALA B 135 24.59 13.91 -6.19
C ALA B 135 24.89 12.66 -5.39
N ASP B 136 24.50 12.65 -4.12
CA ASP B 136 24.79 11.53 -3.23
CA ASP B 136 24.79 11.52 -3.25
C ASP B 136 23.63 10.52 -3.11
N PHE B 137 22.56 10.74 -3.87
CA PHE B 137 21.48 9.75 -3.91
C PHE B 137 22.00 8.56 -4.71
N ALA B 138 22.32 7.47 -4.02
CA ALA B 138 22.98 6.34 -4.65
C ALA B 138 22.42 5.02 -4.13
N PRO B 139 21.11 4.82 -4.26
CA PRO B 139 20.51 3.59 -3.72
C PRO B 139 21.10 2.31 -4.31
N LYS B 140 21.52 2.32 -5.57
CA LYS B 140 22.11 1.12 -6.15
C LYS B 140 23.39 0.74 -5.39
N LEU B 141 24.12 1.75 -4.91
CA LEU B 141 25.32 1.51 -4.09
C LEU B 141 24.99 1.31 -2.63
N GLY B 142 23.73 1.45 -2.27
CA GLY B 142 23.27 1.23 -0.90
C GLY B 142 23.34 2.42 0.02
N ARG B 143 23.33 3.65 -0.53
CA ARG B 143 23.33 4.83 0.32
CA ARG B 143 23.35 4.84 0.30
C ARG B 143 22.44 5.93 -0.23
N VAL B 144 21.71 6.54 0.69
CA VAL B 144 20.91 7.71 0.40
C VAL B 144 21.00 8.64 1.59
N GLN B 145 20.68 9.90 1.39
CA GLN B 145 20.75 10.86 2.48
CA GLN B 145 20.76 10.91 2.44
C GLN B 145 19.39 11.46 2.79
N PHE B 146 19.16 11.73 4.06
CA PHE B 146 17.92 12.34 4.55
C PHE B 146 18.23 13.61 5.32
N GLU B 147 17.51 14.67 4.99
CA GLU B 147 17.50 15.88 5.79
C GLU B 147 16.37 15.78 6.79
N THR B 148 16.67 16.01 8.07
CA THR B 148 15.67 15.83 9.13
C THR B 148 15.56 17.05 10.01
N ASP B 149 14.65 17.01 10.97
CA ASP B 149 14.53 18.09 11.94
CA ASP B 149 14.48 18.07 11.96
C ASP B 149 15.22 17.77 13.28
N THR B 150 16.26 16.94 13.23
CA THR B 150 17.05 16.64 14.44
C THR B 150 18.53 16.43 14.14
N ASP B 151 19.39 16.73 15.13
CA ASP B 151 20.82 16.49 15.00
C ASP B 151 21.36 15.57 16.09
N ARG B 152 20.48 14.93 16.85
CA ARG B 152 20.93 14.13 17.99
C ARG B 152 20.05 12.94 18.33
N ASP B 153 18.83 12.89 17.84
CA ASP B 153 17.92 11.87 18.35
C ASP B 153 18.13 10.48 17.73
N PHE B 154 18.59 10.39 16.48
CA PHE B 154 18.73 9.07 15.85
C PHE B 154 20.01 8.38 16.24
N GLU B 155 19.86 7.14 16.69
CA GLU B 155 21.00 6.32 17.06
C GLU B 155 21.59 5.66 15.82
N ALA B 156 22.90 5.40 15.88
CA ALA B 156 23.56 4.59 14.87
C ALA B 156 23.29 3.10 15.14
N ASN B 157 23.47 2.29 14.12
CA ASN B 157 23.49 0.83 14.28
C ASN B 157 22.17 0.26 14.80
N GLN B 158 21.07 0.93 14.45
CA GLN B 158 19.73 0.46 14.75
C GLN B 158 18.81 0.57 13.54
N ASN B 159 17.93 -0.41 13.41
CA ASN B 159 16.96 -0.44 12.32
C ASN B 159 16.15 0.86 12.23
N THR B 160 16.16 1.43 11.03
CA THR B 160 15.53 2.71 10.73
C THR B 160 14.78 2.58 9.39
N LYS B 161 13.56 3.12 9.35
CA LYS B 161 12.70 3.06 8.16
C LYS B 161 12.30 4.46 7.74
N PHE B 162 12.24 4.68 6.43
CA PHE B 162 11.61 5.88 5.87
C PHE B 162 10.27 5.48 5.25
N THR B 163 9.21 6.12 5.73
CA THR B 163 7.88 5.99 5.14
C THR B 163 7.58 7.27 4.36
N PRO B 164 7.32 7.15 3.05
CA PRO B 164 7.03 8.34 2.24
C PRO B 164 5.65 8.88 2.50
N VAL B 165 5.50 10.20 2.40
CA VAL B 165 4.19 10.83 2.50
C VAL B 165 3.84 11.63 1.26
N GLY B 166 4.75 12.49 0.82
CA GLY B 166 4.46 13.36 -0.31
C GLY B 166 5.69 14.04 -0.82
N VAL B 167 5.48 15.14 -1.54
CA VAL B 167 6.57 15.86 -2.19
C VAL B 167 6.54 17.33 -1.81
N ILE B 168 7.69 17.96 -1.94
CA ILE B 168 7.83 19.38 -1.68
C ILE B 168 8.46 20.11 -2.84
N GLN B 169 8.35 21.43 -2.79
CA GLN B 169 9.01 22.31 -3.74
C GLN B 169 9.63 23.41 -2.91
N ASP B 170 10.93 23.63 -3.10
CA ASP B 170 11.68 24.66 -2.37
C ASP B 170 12.96 24.98 -3.14
N GLY B 171 13.81 25.80 -2.55
CA GLY B 171 15.13 26.06 -3.12
C GLY B 171 15.11 26.97 -4.33
N GLY B 172 14.03 27.71 -4.53
CA GLY B 172 13.97 28.70 -5.60
C GLY B 172 13.62 28.11 -6.96
N THR B 173 13.24 26.85 -6.98
CA THR B 173 12.74 26.24 -8.21
C THR B 173 11.46 26.97 -8.57
N THR B 174 11.04 26.88 -9.83
CA THR B 174 9.83 27.57 -10.28
C THR B 174 8.60 26.78 -9.82
N HIS B 175 7.50 27.49 -9.52
CA HIS B 175 6.28 26.80 -9.05
C HIS B 175 5.84 25.71 -10.01
N ARG B 176 5.58 24.53 -9.44
CA ARG B 176 5.18 23.34 -10.20
CA ARG B 176 5.16 23.36 -10.22
C ARG B 176 6.21 22.84 -11.19
N ASN B 177 7.46 23.23 -11.01
CA ASN B 177 8.53 22.74 -11.88
C ASN B 177 9.34 21.62 -11.22
N GLU B 178 8.91 21.19 -10.04
CA GLU B 178 9.42 19.97 -9.40
C GLU B 178 8.31 19.42 -8.54
N PRO B 179 8.29 18.10 -8.30
CA PRO B 179 9.15 17.06 -8.87
C PRO B 179 9.07 17.00 -10.39
N GLN B 180 10.00 16.24 -10.97
CA GLN B 180 10.07 16.03 -12.40
C GLN B 180 9.84 14.54 -12.63
N GLN B 181 8.58 14.14 -12.84
CA GLN B 181 8.22 12.73 -12.74
C GLN B 181 8.82 11.86 -13.82
N TRP B 182 9.27 12.48 -14.92
CA TRP B 182 9.85 11.72 -16.04
C TRP B 182 11.37 11.77 -16.09
N VAL B 183 11.99 12.40 -15.09
CA VAL B 183 13.44 12.39 -14.97
C VAL B 183 13.88 11.27 -14.04
N LEU B 184 14.58 10.27 -14.57
CA LEU B 184 15.10 9.19 -13.75
C LEU B 184 16.24 9.68 -12.87
N PRO B 185 16.27 9.23 -11.62
CA PRO B 185 17.48 9.44 -10.81
C PRO B 185 18.68 8.73 -11.42
N SER B 186 19.88 9.17 -11.04
CA SER B 186 21.10 8.42 -11.27
CA SER B 186 21.08 8.40 -11.29
C SER B 186 21.28 7.51 -10.07
N TYR B 187 20.90 6.24 -10.23
CA TYR B 187 20.78 5.33 -9.10
C TYR B 187 22.08 5.02 -8.36
N SER B 188 23.23 5.17 -9.04
CA SER B 188 24.52 4.98 -8.39
C SER B 188 25.22 6.30 -8.07
N GLY B 189 24.48 7.41 -8.16
CA GLY B 189 25.05 8.72 -7.89
C GLY B 189 25.38 9.53 -9.13
N ARG B 190 25.71 10.80 -8.91
CA ARG B 190 26.02 11.71 -10.00
C ARG B 190 27.10 11.14 -10.92
N ASN B 191 26.85 11.24 -12.21
CA ASN B 191 27.79 10.87 -13.27
C ASN B 191 28.10 9.38 -13.36
N THR B 192 27.16 8.57 -12.92
CA THR B 192 27.22 7.13 -13.14
C THR B 192 26.08 6.76 -14.07
N HIS B 193 26.24 5.68 -14.82
CA HIS B 193 25.22 5.27 -15.77
C HIS B 193 24.28 4.26 -15.14
N ASN B 194 22.99 4.45 -15.33
CA ASN B 194 22.00 3.50 -14.86
C ASN B 194 22.10 2.20 -15.64
N VAL B 195 21.71 1.10 -15.00
CA VAL B 195 21.79 -0.22 -15.61
C VAL B 195 20.47 -0.97 -15.49
N HIS B 196 20.28 -1.94 -16.39
CA HIS B 196 19.17 -2.88 -16.32
C HIS B 196 17.80 -2.20 -16.33
N LEU B 197 17.70 -1.08 -17.03
CA LEU B 197 16.46 -0.32 -17.06
C LEU B 197 15.40 -0.95 -17.92
N ALA B 198 14.15 -0.82 -17.47
CA ALA B 198 13.01 -1.06 -18.33
C ALA B 198 13.06 0.01 -19.41
N PRO B 199 12.71 -0.34 -20.65
CA PRO B 199 12.86 0.62 -21.76
C PRO B 199 11.88 1.79 -21.70
N ALA B 200 12.26 2.87 -22.38
CA ALA B 200 11.34 3.97 -22.61
C ALA B 200 10.18 3.49 -23.48
N VAL B 201 9.03 4.12 -23.32
CA VAL B 201 7.86 3.77 -24.10
C VAL B 201 7.34 5.02 -24.80
N ALA B 202 6.74 4.82 -25.97
CA ALA B 202 6.13 5.92 -26.69
C ALA B 202 5.07 5.37 -27.62
N PRO B 203 4.08 6.20 -27.94
CA PRO B 203 3.14 5.79 -28.97
C PRO B 203 3.88 5.81 -30.31
N THR B 204 3.67 4.83 -31.15
CA THR B 204 4.33 4.83 -32.46
C THR B 204 3.31 4.93 -33.60
N PHE B 205 2.08 4.56 -33.31
CA PHE B 205 1.04 4.55 -34.32
C PHE B 205 0.46 5.96 -34.51
N PRO B 206 0.31 6.41 -35.76
CA PRO B 206 -0.17 7.79 -35.93
C PRO B 206 -1.52 8.02 -35.27
N GLY B 207 -1.63 9.12 -34.53
CA GLY B 207 -2.88 9.49 -33.89
C GLY B 207 -3.05 8.88 -32.51
N GLU B 208 -2.05 8.13 -32.05
CA GLU B 208 -2.10 7.56 -30.70
C GLU B 208 -1.27 8.33 -29.68
N GLN B 209 -1.73 8.24 -28.43
CA GLN B 209 -1.02 8.73 -27.25
C GLN B 209 -1.03 7.67 -26.19
N LEU B 210 -0.10 7.79 -25.24
CA LEU B 210 -0.16 6.98 -24.04
C LEU B 210 -1.40 7.32 -23.22
N LEU B 211 -1.96 6.29 -22.59
CA LEU B 211 -2.96 6.47 -21.54
C LEU B 211 -2.26 6.29 -20.19
N PHE B 212 -2.42 7.29 -19.33
CA PHE B 212 -1.79 7.30 -18.03
C PHE B 212 -2.79 7.07 -16.92
N PHE B 213 -2.36 6.32 -15.92
CA PHE B 213 -3.14 6.07 -14.72
C PHE B 213 -2.61 7.04 -13.68
N ARG B 214 -3.44 8.01 -13.31
CA ARG B 214 -2.97 9.21 -12.63
C ARG B 214 -3.45 9.32 -11.19
N SER B 215 -2.52 9.76 -10.34
CA SER B 215 -2.82 10.17 -8.97
C SER B 215 -2.27 11.56 -8.71
N THR B 216 -2.65 12.12 -7.57
CA THR B 216 -2.13 13.37 -7.08
C THR B 216 -1.33 13.08 -5.81
N MET B 217 -0.02 13.26 -5.87
CA MET B 217 0.80 13.06 -4.68
C MET B 217 0.50 14.14 -3.66
N PRO B 218 0.41 13.76 -2.39
CA PRO B 218 0.31 14.82 -1.38
C PRO B 218 1.48 15.79 -1.46
N GLY B 219 1.17 17.06 -1.25
CA GLY B 219 2.18 18.09 -1.13
C GLY B 219 2.41 18.45 0.32
N CYS B 220 3.69 18.59 0.68
CA CYS B 220 4.07 18.82 2.07
C CYS B 220 4.65 20.21 2.34
N SER B 221 4.93 20.97 1.27
CA SER B 221 5.48 22.32 1.40
C SER B 221 5.68 22.89 0.01
N GLY B 222 5.46 24.20 -0.14
CA GLY B 222 5.74 24.87 -1.38
C GLY B 222 4.65 24.62 -2.42
N TYR B 223 5.03 24.71 -3.69
CA TYR B 223 4.11 24.60 -4.81
C TYR B 223 4.58 23.48 -5.75
N PRO B 224 4.49 22.23 -5.28
CA PRO B 224 4.98 21.14 -6.13
C PRO B 224 4.04 20.79 -7.28
N ASN B 225 4.60 20.19 -8.32
CA ASN B 225 3.81 19.49 -9.31
C ASN B 225 3.47 18.12 -8.74
N MET B 226 2.21 17.92 -8.41
CA MET B 226 1.78 16.70 -7.73
C MET B 226 1.24 15.62 -8.66
N ASP B 227 1.25 15.86 -9.97
CA ASP B 227 0.77 14.85 -10.89
C ASP B 227 1.72 13.66 -10.91
N LEU B 228 1.15 12.46 -10.80
CA LEU B 228 1.95 11.25 -10.92
C LEU B 228 1.24 10.24 -11.78
N ASP B 229 1.88 9.94 -12.91
CA ASP B 229 1.31 9.06 -13.93
C ASP B 229 2.05 7.75 -13.97
N CYS B 230 1.31 6.65 -13.90
CA CYS B 230 1.93 5.34 -14.08
C CYS B 230 1.38 4.64 -15.33
N LEU B 231 2.13 3.67 -15.84
CA LEU B 231 1.77 3.02 -17.10
C LEU B 231 0.81 1.87 -16.88
N LEU B 232 0.83 1.32 -15.67
CA LEU B 232 -0.02 0.20 -15.28
C LEU B 232 -0.41 0.38 -13.84
N PRO B 233 -1.69 0.14 -13.50
CA PRO B 233 -2.02 0.10 -12.07
C PRO B 233 -1.20 -0.97 -11.36
N GLN B 234 -0.89 -0.75 -10.10
CA GLN B 234 -0.17 -1.76 -9.35
C GLN B 234 -0.93 -3.11 -9.39
N GLU B 235 -2.25 -3.06 -9.38
CA GLU B 235 -3.03 -4.30 -9.37
C GLU B 235 -2.89 -5.07 -10.67
N TRP B 236 -2.62 -4.38 -11.77
CA TRP B 236 -2.39 -5.08 -13.03
C TRP B 236 -1.02 -5.77 -12.99
N VAL B 237 -0.01 -5.13 -12.42
CA VAL B 237 1.27 -5.79 -12.17
C VAL B 237 1.06 -7.07 -11.35
N GLN B 238 0.31 -6.95 -10.26
CA GLN B 238 0.07 -8.06 -9.37
C GLN B 238 -0.65 -9.19 -10.10
N TYR B 239 -1.64 -8.82 -10.89
CA TYR B 239 -2.47 -9.80 -11.60
C TYR B 239 -1.70 -10.52 -12.70
N PHE B 240 -0.97 -9.78 -13.53
CA PHE B 240 -0.21 -10.41 -14.60
C PHE B 240 0.86 -11.31 -14.02
N TYR B 241 1.51 -10.87 -12.94
CA TYR B 241 2.50 -11.71 -12.28
C TYR B 241 1.90 -13.04 -11.84
N GLN B 242 0.68 -12.97 -11.32
CA GLN B 242 0.03 -14.17 -10.81
CA GLN B 242 -0.08 -14.11 -10.81
C GLN B 242 -0.53 -15.05 -11.93
N GLU B 243 -1.14 -14.45 -12.95
CA GLU B 243 -1.77 -15.19 -14.04
C GLU B 243 -0.76 -15.77 -15.03
N ALA B 244 0.23 -14.97 -15.37
CA ALA B 244 1.27 -15.35 -16.33
C ALA B 244 0.67 -15.98 -17.60
N ALA B 245 -0.34 -15.32 -18.16
CA ALA B 245 -0.98 -15.83 -19.37
C ALA B 245 -0.18 -15.37 -20.59
N PRO B 246 0.08 -16.28 -21.53
CA PRO B 246 0.90 -15.90 -22.71
C PRO B 246 0.23 -14.87 -23.59
N ALA B 247 1.02 -13.95 -24.11
CA ALA B 247 0.53 -12.99 -25.09
C ALA B 247 0.42 -13.66 -26.45
N GLN B 248 -0.75 -13.58 -27.07
CA GLN B 248 -0.96 -14.23 -28.37
C GLN B 248 -0.63 -13.29 -29.52
N SER B 249 -0.48 -12.00 -29.22
CA SER B 249 0.00 -11.02 -30.19
C SER B 249 0.66 -9.89 -29.40
N ASP B 250 1.11 -8.86 -30.11
CA ASP B 250 1.79 -7.72 -29.48
C ASP B 250 0.86 -6.83 -28.68
N VAL B 251 -0.44 -6.95 -28.92
CA VAL B 251 -1.41 -5.99 -28.38
C VAL B 251 -2.70 -6.65 -27.98
N ALA B 252 -3.11 -6.37 -26.76
CA ALA B 252 -4.40 -6.79 -26.23
C ALA B 252 -5.36 -5.62 -26.34
N LEU B 253 -6.45 -5.82 -27.07
CA LEU B 253 -7.47 -4.79 -27.20
C LEU B 253 -8.38 -4.80 -25.98
N LEU B 254 -8.44 -3.69 -25.26
CA LEU B 254 -9.30 -3.57 -24.08
C LEU B 254 -10.40 -2.58 -24.37
N ARG B 255 -11.58 -2.90 -23.87
CA ARG B 255 -12.71 -1.98 -23.90
C ARG B 255 -13.00 -1.53 -22.46
N PHE B 256 -13.23 -0.24 -22.28
CA PHE B 256 -13.63 0.30 -20.99
C PHE B 256 -15.15 0.41 -20.99
N VAL B 257 -15.77 -0.36 -20.09
CA VAL B 257 -17.21 -0.57 -20.08
C VAL B 257 -17.87 0.24 -18.97
N ASN B 258 -19.03 0.81 -19.28
CA ASN B 258 -19.84 1.54 -18.32
C ASN B 258 -21.02 0.67 -17.88
N PRO B 259 -20.98 0.13 -16.66
CA PRO B 259 -22.09 -0.75 -16.26
C PRO B 259 -23.43 -0.02 -16.13
N ASP B 260 -23.41 1.29 -16.01
CA ASP B 260 -24.67 2.03 -15.86
C ASP B 260 -25.45 2.15 -17.16
N THR B 261 -24.76 1.94 -18.28
CA THR B 261 -25.42 2.00 -19.59
C THR B 261 -25.27 0.70 -20.36
N GLY B 262 -24.27 -0.11 -20.00
CA GLY B 262 -23.96 -1.31 -20.75
C GLY B 262 -23.08 -1.05 -21.97
N ARG B 263 -22.72 0.21 -22.23
CA ARG B 263 -21.99 0.56 -23.44
C ARG B 263 -20.50 0.79 -23.18
N VAL B 264 -19.72 0.65 -24.23
CA VAL B 264 -18.29 0.93 -24.22
C VAL B 264 -18.05 2.43 -24.26
N LEU B 265 -17.23 2.93 -23.35
CA LEU B 265 -16.84 4.34 -23.35
C LEU B 265 -15.68 4.61 -24.31
N PHE B 266 -14.67 3.75 -24.26
CA PHE B 266 -13.53 3.87 -25.15
C PHE B 266 -12.85 2.53 -25.23
N GLU B 267 -12.00 2.37 -26.25
CA GLU B 267 -11.14 1.19 -26.35
C GLU B 267 -9.69 1.63 -26.40
N CYS B 268 -8.77 0.72 -26.08
CA CYS B 268 -7.37 1.05 -25.98
C CYS B 268 -6.51 -0.18 -26.25
N LYS B 269 -5.24 0.05 -26.53
CA LYS B 269 -4.30 -1.03 -26.78
C LYS B 269 -3.46 -1.24 -25.54
N LEU B 270 -3.50 -2.44 -24.98
CA LEU B 270 -2.56 -2.85 -23.95
C LEU B 270 -1.42 -3.59 -24.63
N HIS B 271 -0.29 -2.92 -24.76
CA HIS B 271 0.89 -3.52 -25.38
C HIS B 271 1.48 -4.59 -24.47
N LYS B 272 1.93 -5.69 -25.08
CA LYS B 272 2.37 -6.82 -24.28
C LYS B 272 3.57 -6.48 -23.38
N SER B 273 4.36 -5.47 -23.76
CA SER B 273 5.49 -5.05 -22.93
C SER B 273 5.06 -4.19 -21.75
N GLY B 274 3.76 -3.89 -21.66
CA GLY B 274 3.19 -3.31 -20.44
C GLY B 274 2.97 -1.80 -20.44
N TYR B 275 2.16 -1.33 -21.37
CA TYR B 275 1.73 0.07 -21.37
C TYR B 275 0.53 0.17 -22.28
N VAL B 276 -0.18 1.29 -22.20
CA VAL B 276 -1.47 1.45 -22.89
C VAL B 276 -1.47 2.67 -23.79
N THR B 277 -2.04 2.53 -24.99
CA THR B 277 -2.26 3.68 -25.85
C THR B 277 -3.73 3.82 -26.26
N VAL B 278 -4.09 5.05 -26.61
CA VAL B 278 -5.43 5.40 -27.08
C VAL B 278 -5.30 6.27 -28.32
N ALA B 279 -6.36 6.32 -29.12
CA ALA B 279 -6.40 7.18 -30.29
C ALA B 279 -6.98 8.54 -29.88
N HIS B 280 -6.08 9.47 -29.59
CA HIS B 280 -6.48 10.82 -29.24
C HIS B 280 -5.31 11.77 -29.48
N THR B 281 -5.62 13.00 -29.84
CA THR B 281 -4.59 14.02 -29.99
C THR B 281 -4.94 15.19 -29.10
N GLY B 282 -4.07 15.45 -28.11
CA GLY B 282 -4.25 16.54 -27.17
C GLY B 282 -4.30 16.06 -25.73
N GLN B 283 -4.21 17.01 -24.81
CA GLN B 283 -4.36 16.70 -23.39
CA GLN B 283 -4.35 16.69 -23.40
C GLN B 283 -5.84 16.51 -23.06
N HIS B 284 -6.15 15.45 -22.34
CA HIS B 284 -7.54 15.15 -22.02
C HIS B 284 -7.66 14.40 -20.71
N ASP B 285 -8.43 14.97 -19.78
CA ASP B 285 -8.84 14.26 -18.58
C ASP B 285 -10.07 13.42 -18.88
N LEU B 286 -9.95 12.09 -18.81
CA LEU B 286 -11.07 11.25 -19.15
C LEU B 286 -12.16 11.37 -18.08
N VAL B 287 -13.40 11.47 -18.55
CA VAL B 287 -14.58 11.53 -17.69
C VAL B 287 -15.22 10.14 -17.70
N ILE B 288 -15.04 9.42 -16.60
CA ILE B 288 -15.44 8.03 -16.54
C ILE B 288 -16.46 7.82 -15.44
N PRO B 289 -17.34 6.82 -15.62
CA PRO B 289 -18.21 6.40 -14.53
C PRO B 289 -17.36 5.76 -13.44
N PRO B 290 -17.67 6.00 -12.14
CA PRO B 290 -16.75 5.49 -11.13
C PRO B 290 -16.77 3.97 -11.02
N ASN B 291 -17.82 3.34 -11.54
CA ASN B 291 -17.92 1.89 -11.60
C ASN B 291 -17.46 1.30 -12.93
N GLY B 292 -16.85 2.12 -13.79
CA GLY B 292 -16.32 1.63 -15.05
C GLY B 292 -15.14 0.68 -14.83
N TYR B 293 -14.90 -0.20 -15.79
CA TYR B 293 -13.75 -1.10 -15.68
C TYR B 293 -13.27 -1.52 -17.07
N PHE B 294 -12.04 -2.02 -17.13
CA PHE B 294 -11.46 -2.49 -18.38
C PHE B 294 -11.76 -3.98 -18.58
N ARG B 295 -11.93 -4.36 -19.85
CA ARG B 295 -12.27 -5.73 -20.22
C ARG B 295 -11.45 -6.12 -21.44
N PHE B 296 -10.73 -7.22 -21.34
CA PHE B 296 -9.97 -7.71 -22.48
C PHE B 296 -10.90 -8.38 -23.49
N ASP B 297 -10.85 -7.95 -24.75
CA ASP B 297 -11.73 -8.51 -25.76
C ASP B 297 -11.03 -9.34 -26.82
N SER B 298 -9.85 -8.93 -27.26
CA SER B 298 -9.17 -9.71 -28.29
C SER B 298 -7.72 -9.34 -28.47
N TRP B 299 -6.93 -10.29 -28.93
CA TRP B 299 -5.57 -10.02 -29.39
C TRP B 299 -5.61 -9.46 -30.79
N VAL B 300 -4.97 -8.30 -30.98
CA VAL B 300 -4.88 -7.66 -32.29
C VAL B 300 -3.41 -7.38 -32.59
N ASN B 301 -3.11 -6.63 -33.60
CA ASN B 301 -1.72 -6.36 -33.84
C ASN B 301 -1.40 -4.94 -33.54
N GLN B 302 -0.14 -4.61 -33.59
CA GLN B 302 0.23 -3.23 -33.29
CA GLN B 302 0.27 -3.24 -33.32
C GLN B 302 -0.31 -2.29 -34.35
N PHE B 303 -0.73 -2.82 -35.50
CA PHE B 303 -1.20 -1.90 -36.53
CA PHE B 303 -1.21 -2.05 -36.65
C PHE B 303 -2.73 -1.87 -36.65
N TYR B 304 -3.39 -2.29 -35.60
CA TYR B 304 -4.83 -2.14 -35.47
C TYR B 304 -5.16 -0.67 -35.26
N THR B 305 -6.20 -0.19 -35.89
CA THR B 305 -6.65 1.19 -35.73
C THR B 305 -7.78 1.26 -34.72
N LEU B 306 -7.54 1.95 -33.61
CA LEU B 306 -8.53 2.11 -32.57
C LEU B 306 -9.61 3.08 -32.97
N ALA B 307 -10.81 2.87 -32.42
CA ALA B 307 -11.86 3.88 -32.50
C ALA B 307 -11.38 5.10 -31.72
N PRO B 308 -11.58 6.31 -32.25
CA PRO B 308 -11.18 7.53 -31.53
C PRO B 308 -11.78 7.59 -30.13
N MET B 309 -10.95 8.01 -29.18
CA MET B 309 -11.29 7.95 -27.76
C MET B 309 -12.37 8.98 -27.46
#